data_4JBV
#
_entry.id   4JBV
#
_cell.length_a   48.210
_cell.length_b   72.280
_cell.length_c   66.590
_cell.angle_alpha   90.000
_cell.angle_beta   103.950
_cell.angle_gamma   90.000
#
_symmetry.space_group_name_H-M   'P 1 21 1'
#
loop_
_entity.id
_entity.type
_entity.pdbx_description
1 polymer 'Calmodulin-domain protein kinase 1'
2 non-polymer 1-[(1-methylpiperidin-4-yl)methyl]-3-[6-(2-methylpropoxy)naphthalen-2-yl]pyrazolo[3,4-d]pyrimidin-4-amine
3 water water
#
_entity_poly.entity_id   1
_entity_poly.type   'polypeptide(L)'
_entity_poly.pdbx_seq_one_letter_code
;GPGSMMDHLHATPGMFVQHSTAIFSDRYKGQRVLGKGSFGEVILCKDKITGQECAVKVISKRQVKQKTDKESLLREVQLL
KQLDHPNIMKLYEFFEDKGYFYLVGEVYTGGELFDEIISRKRFSEVDAARIIRQVLSGITYMHKNKIVHRDLKPENLLLE
SKSKDANIRIIDFGLSTHFEASKKMKDKIGTAYYIAPEVLHGTYDEKCDVWSTGVILYILLSGCPPFNGANEYDILKKVE
KGKYTFELPQWKKVSESAKDLIRKMLTYVPSMRISARDALDHEWIQTYTKEQISVDVPSLDNAILNIRQFQGTQKLAQAA
LLYMGSKLTSQDETKELTAIFHKMDKNGDGQLDRAELIEGYKELMRMKGQDASMLDASAVEHEVDQVLDAVDFDKNGYIE
YSEFVTVAMDRKTLLSRERLERAFRMFDSDNSGKISSTELATIFGVSDVDSETWKSVLSEVDKNNDGEVDFDEFQQMLLK
LCGN
;
_entity_poly.pdbx_strand_id   A
#
# COMPACT_ATOMS: atom_id res chain seq x y z
N ALA A 22 -25.45 14.33 4.02
CA ALA A 22 -24.50 14.70 2.92
C ALA A 22 -23.97 13.45 2.22
N ILE A 23 -24.04 13.45 0.90
CA ILE A 23 -23.62 12.31 0.09
C ILE A 23 -22.29 12.63 -0.59
N PHE A 24 -21.35 11.69 -0.49
CA PHE A 24 -19.98 11.91 -0.95
C PHE A 24 -19.92 12.33 -2.42
N SER A 25 -20.64 11.63 -3.28
CA SER A 25 -20.59 11.88 -4.72
C SER A 25 -21.38 13.11 -5.17
N ASP A 26 -22.23 13.66 -4.30
CA ASP A 26 -22.86 14.95 -4.56
C ASP A 26 -21.79 16.06 -4.54
N ARG A 27 -20.74 15.86 -3.75
CA ARG A 27 -19.70 16.86 -3.55
C ARG A 27 -18.41 16.61 -4.35
N TYR A 28 -18.04 15.33 -4.50
CA TYR A 28 -16.74 14.99 -5.09
C TYR A 28 -16.85 14.10 -6.33
N LYS A 29 -16.02 14.40 -7.33
CA LYS A 29 -15.88 13.56 -8.53
CA LYS A 29 -15.89 13.55 -8.52
C LYS A 29 -14.53 12.87 -8.49
N GLY A 30 -14.47 11.61 -8.95
CA GLY A 30 -13.20 10.85 -8.98
C GLY A 30 -12.36 11.26 -10.18
N GLN A 31 -11.06 11.53 -9.95
CA GLN A 31 -10.13 11.84 -11.04
C GLN A 31 -9.44 10.59 -11.52
N ARG A 32 -8.77 9.89 -10.59
CA ARG A 32 -8.03 8.67 -10.92
C ARG A 32 -7.64 7.90 -9.64
N VAL A 33 -7.59 6.57 -9.75
CA VAL A 33 -7.25 5.71 -8.62
C VAL A 33 -5.75 5.76 -8.35
N LEU A 34 -5.38 6.18 -7.14
CA LEU A 34 -3.97 6.20 -6.74
C LEU A 34 -3.49 4.78 -6.40
N GLY A 35 -4.30 4.05 -5.64
CA GLY A 35 -4.00 2.64 -5.36
C GLY A 35 -4.62 2.11 -4.09
N LYS A 36 -4.42 0.82 -3.87
CA LYS A 36 -4.91 0.14 -2.67
C LYS A 36 -3.92 0.39 -1.53
N GLY A 37 -4.38 1.06 -0.48
CA GLY A 37 -3.60 1.23 0.74
C GLY A 37 -4.23 0.39 1.84
N SER A 38 -3.78 0.58 3.07
CA SER A 38 -4.37 -0.14 4.20
C SER A 38 -5.86 0.22 4.32
N PHE A 39 -6.69 -0.81 4.46
CA PHE A 39 -8.14 -0.68 4.71
C PHE A 39 -9.02 -0.31 3.51
N GLY A 40 -8.41 0.13 2.42
CA GLY A 40 -9.19 0.55 1.27
C GLY A 40 -8.40 1.17 0.13
N GLU A 41 -9.11 1.37 -0.98
CA GLU A 41 -8.56 1.99 -2.17
C GLU A 41 -8.50 3.49 -1.93
N VAL A 42 -7.53 4.16 -2.54
CA VAL A 42 -7.40 5.60 -2.45
C VAL A 42 -7.55 6.24 -3.84
N ILE A 43 -8.46 7.20 -3.92
CA ILE A 43 -8.83 7.83 -5.17
C ILE A 43 -8.54 9.33 -5.11
N LEU A 44 -7.89 9.85 -6.14
CA LEU A 44 -7.73 11.30 -6.30
C LEU A 44 -9.08 11.87 -6.72
N CYS A 45 -9.64 12.74 -5.89
CA CYS A 45 -10.97 13.32 -6.12
C CYS A 45 -10.93 14.83 -6.16
N LYS A 46 -12.00 15.42 -6.67
CA LYS A 46 -12.07 16.86 -6.85
C LYS A 46 -13.43 17.40 -6.46
N ASP A 47 -13.46 18.49 -5.69
CA ASP A 47 -14.72 19.11 -5.27
C ASP A 47 -15.43 19.68 -6.50
N LYS A 48 -16.70 19.32 -6.68
CA LYS A 48 -17.47 19.73 -7.86
C LYS A 48 -17.79 21.24 -7.94
N ILE A 49 -17.66 21.97 -6.82
CA ILE A 49 -17.89 23.41 -6.80
C ILE A 49 -16.58 24.20 -6.78
N THR A 50 -15.72 23.89 -5.82
CA THR A 50 -14.51 24.69 -5.55
C THR A 50 -13.28 24.24 -6.35
N GLY A 51 -13.33 23.04 -6.91
CA GLY A 51 -12.20 22.48 -7.64
C GLY A 51 -11.06 21.96 -6.77
N GLN A 52 -11.26 21.94 -5.45
CA GLN A 52 -10.22 21.46 -4.52
CA GLN A 52 -10.22 21.46 -4.53
C GLN A 52 -9.96 19.98 -4.76
N GLU A 53 -8.69 19.62 -4.93
CA GLU A 53 -8.30 18.23 -5.10
C GLU A 53 -8.05 17.62 -3.73
N CYS A 54 -8.42 16.35 -3.59
CA CYS A 54 -8.24 15.64 -2.33
CA CYS A 54 -8.30 15.62 -2.33
C CYS A 54 -7.94 14.18 -2.61
N ALA A 55 -7.47 13.47 -1.59
CA ALA A 55 -7.21 12.03 -1.67
C ALA A 55 -8.17 11.33 -0.72
N VAL A 56 -9.06 10.52 -1.29
CA VAL A 56 -10.14 9.89 -0.54
C VAL A 56 -9.84 8.42 -0.35
N LYS A 57 -9.72 7.98 0.90
CA LYS A 57 -9.60 6.55 1.20
C LYS A 57 -11.01 5.99 1.39
N VAL A 58 -11.32 4.97 0.60
CA VAL A 58 -12.65 4.38 0.58
C VAL A 58 -12.59 3.02 1.24
N ILE A 59 -13.26 2.88 2.38
CA ILE A 59 -13.30 1.62 3.10
C ILE A 59 -14.64 0.93 2.85
N SER A 60 -14.57 -0.30 2.33
CA SER A 60 -15.75 -1.13 2.15
C SER A 60 -16.14 -1.78 3.48
N LYS A 61 -17.39 -1.59 3.89
CA LYS A 61 -17.89 -2.15 5.15
C LYS A 61 -17.93 -3.68 5.16
N ARG A 62 -18.11 -4.29 4.00
CA ARG A 62 -18.18 -5.75 3.90
C ARG A 62 -16.82 -6.42 4.05
N GLN A 63 -15.77 -5.73 3.62
CA GLN A 63 -14.40 -6.26 3.64
C GLN A 63 -13.65 -5.87 4.91
N VAL A 64 -14.10 -4.81 5.58
CA VAL A 64 -13.44 -4.32 6.78
C VAL A 64 -14.44 -4.17 7.92
N LYS A 65 -14.12 -4.75 9.07
CA LYS A 65 -14.97 -4.68 10.25
C LYS A 65 -14.53 -3.56 11.18
N GLN A 66 -15.50 -2.89 11.80
CA GLN A 66 -15.21 -1.84 12.77
C GLN A 66 -14.89 -2.43 14.15
N LYS A 67 -13.95 -1.81 14.86
CA LYS A 67 -13.58 -2.21 16.21
C LYS A 67 -14.36 -1.45 17.30
N THR A 68 -14.75 -0.21 16.98
CA THR A 68 -15.45 0.66 17.93
C THR A 68 -16.89 0.94 17.47
N ASP A 69 -17.69 1.55 18.35
CA ASP A 69 -19.05 1.94 17.98
C ASP A 69 -19.04 3.23 17.15
N LYS A 70 -20.22 3.62 16.66
CA LYS A 70 -20.38 4.82 15.85
C LYS A 70 -20.07 6.09 16.64
N GLU A 71 -20.45 6.12 17.91
CA GLU A 71 -20.17 7.28 18.77
C GLU A 71 -18.67 7.58 18.79
N SER A 72 -17.88 6.51 18.96
CA SER A 72 -16.43 6.61 19.07
C SER A 72 -15.78 7.07 17.76
N LEU A 73 -16.14 6.45 16.65
CA LEU A 73 -15.61 6.82 15.34
C LEU A 73 -15.91 8.28 14.98
N LEU A 74 -17.15 8.72 15.19
CA LEU A 74 -17.56 10.08 14.84
C LEU A 74 -16.76 11.12 15.63
N ARG A 75 -16.53 10.86 16.91
CA ARG A 75 -15.76 11.78 17.78
CA ARG A 75 -15.77 11.79 17.75
C ARG A 75 -14.29 11.82 17.38
N GLU A 76 -13.75 10.68 16.96
CA GLU A 76 -12.36 10.64 16.50
C GLU A 76 -12.19 11.52 15.26
N VAL A 77 -13.09 11.34 14.29
CA VAL A 77 -13.08 12.14 13.07
C VAL A 77 -13.16 13.63 13.41
N GLN A 78 -14.10 13.99 14.27
CA GLN A 78 -14.28 15.38 14.68
C GLN A 78 -13.00 15.95 15.32
N LEU A 79 -12.31 15.15 16.13
CA LEU A 79 -11.02 15.56 16.69
C LEU A 79 -9.98 15.70 15.59
N LEU A 80 -9.87 14.69 14.74
CA LEU A 80 -8.85 14.69 13.69
C LEU A 80 -8.97 15.91 12.76
N LYS A 81 -10.19 16.25 12.39
CA LYS A 81 -10.44 17.46 11.58
C LYS A 81 -9.91 18.76 12.19
N GLN A 82 -9.79 18.80 13.52
CA GLN A 82 -9.25 19.98 14.22
C GLN A 82 -7.77 19.94 14.50
N LEU A 83 -7.13 18.81 14.24
CA LEU A 83 -5.70 18.65 14.48
C LEU A 83 -4.91 19.13 13.27
N ASP A 84 -3.70 19.61 13.52
CA ASP A 84 -2.91 20.23 12.48
C ASP A 84 -1.43 20.16 12.79
N HIS A 85 -0.68 19.49 11.92
CA HIS A 85 0.76 19.35 12.09
C HIS A 85 1.39 19.10 10.73
N PRO A 86 2.56 19.72 10.45
CA PRO A 86 3.19 19.61 9.11
C PRO A 86 3.59 18.20 8.66
N ASN A 87 3.70 17.27 9.60
CA ASN A 87 4.12 15.89 9.29
C ASN A 87 2.98 14.88 9.42
N ILE A 88 1.75 15.38 9.55
CA ILE A 88 0.57 14.52 9.61
C ILE A 88 -0.40 14.90 8.50
N MET A 89 -0.96 13.89 7.82
CA MET A 89 -1.95 14.10 6.78
C MET A 89 -3.13 14.87 7.34
N LYS A 90 -3.53 15.91 6.63
CA LYS A 90 -4.70 16.71 7.02
C LYS A 90 -5.96 15.99 6.59
N LEU A 91 -6.91 15.83 7.53
CA LEU A 91 -8.23 15.28 7.24
C LEU A 91 -9.23 16.42 7.07
N TYR A 92 -9.97 16.40 5.95
CA TYR A 92 -10.96 17.46 5.65
C TYR A 92 -12.40 17.04 5.96
N GLU A 93 -12.81 15.88 5.47
CA GLU A 93 -14.22 15.45 5.57
C GLU A 93 -14.36 13.96 5.80
N PHE A 94 -15.54 13.58 6.26
CA PHE A 94 -15.88 12.18 6.49
C PHE A 94 -17.30 11.91 6.02
N PHE A 95 -17.48 10.82 5.29
CA PHE A 95 -18.79 10.45 4.77
C PHE A 95 -19.04 8.97 4.98
N GLU A 96 -20.30 8.63 5.16
CA GLU A 96 -20.70 7.25 5.34
C GLU A 96 -21.99 6.97 4.60
N ASP A 97 -22.05 5.84 3.90
CA ASP A 97 -23.31 5.34 3.37
C ASP A 97 -23.46 3.86 3.73
N LYS A 98 -24.46 3.21 3.15
CA LYS A 98 -24.72 1.79 3.42
C LYS A 98 -23.50 0.89 3.28
N GLY A 99 -22.71 1.09 2.23
CA GLY A 99 -21.61 0.18 1.89
C GLY A 99 -20.22 0.62 2.26
N TYR A 100 -19.99 1.92 2.39
CA TYR A 100 -18.61 2.45 2.46
C TYR A 100 -18.43 3.59 3.46
N PHE A 101 -17.17 3.81 3.85
CA PHE A 101 -16.74 5.03 4.54
C PHE A 101 -15.89 5.79 3.56
N TYR A 102 -16.07 7.11 3.48
CA TYR A 102 -15.27 7.94 2.58
C TYR A 102 -14.43 8.89 3.43
N LEU A 103 -13.12 8.70 3.41
CA LEU A 103 -12.20 9.48 4.23
C LEU A 103 -11.47 10.45 3.32
N VAL A 104 -11.79 11.73 3.46
CA VAL A 104 -11.30 12.74 2.53
C VAL A 104 -10.17 13.55 3.15
N GLY A 105 -8.96 13.37 2.63
CA GLY A 105 -7.77 14.03 3.15
C GLY A 105 -7.02 14.83 2.10
N GLU A 106 -6.00 15.53 2.56
CA GLU A 106 -5.16 16.33 1.68
C GLU A 106 -4.32 15.40 0.81
N VAL A 107 -4.17 15.76 -0.46
CA VAL A 107 -3.44 14.94 -1.42
C VAL A 107 -1.98 15.37 -1.47
N TYR A 108 -1.08 14.41 -1.38
CA TYR A 108 0.36 14.64 -1.48
C TYR A 108 0.88 13.94 -2.71
N THR A 109 1.87 14.55 -3.35
CA THR A 109 2.31 14.17 -4.70
C THR A 109 3.75 13.68 -4.78
N GLY A 110 4.45 13.68 -3.65
CA GLY A 110 5.86 13.30 -3.63
C GLY A 110 6.09 11.79 -3.62
N GLY A 111 5.06 11.02 -3.29
CA GLY A 111 5.17 9.56 -3.26
C GLY A 111 5.76 9.06 -1.95
N GLU A 112 6.01 7.76 -1.88
CA GLU A 112 6.54 7.12 -0.70
C GLU A 112 8.02 7.49 -0.48
N LEU A 113 8.37 7.76 0.78
CA LEU A 113 9.74 8.15 1.14
C LEU A 113 10.84 7.27 0.55
N PHE A 114 10.72 5.96 0.73
CA PHE A 114 11.76 5.02 0.30
C PHE A 114 11.96 5.05 -1.21
N ASP A 115 10.88 5.30 -1.96
CA ASP A 115 10.97 5.42 -3.42
C ASP A 115 11.78 6.65 -3.85
N GLU A 116 11.76 7.71 -3.04
CA GLU A 116 12.57 8.89 -3.30
C GLU A 116 14.02 8.65 -2.89
N ILE A 117 14.19 8.00 -1.74
CA ILE A 117 15.52 7.72 -1.21
C ILE A 117 16.40 6.91 -2.17
N ILE A 118 15.82 5.90 -2.80
CA ILE A 118 16.58 5.01 -3.69
C ILE A 118 17.04 5.70 -4.99
N SER A 119 16.33 6.77 -5.38
CA SER A 119 16.64 7.49 -6.61
C SER A 119 17.79 8.49 -6.45
N ARG A 120 18.13 8.88 -5.23
CA ARG A 120 19.20 9.87 -5.01
C ARG A 120 20.59 9.22 -4.98
N LYS A 121 21.61 10.02 -5.28
CA LYS A 121 22.96 9.52 -5.47
C LYS A 121 23.69 9.22 -4.17
N ARG A 122 23.43 10.04 -3.15
CA ARG A 122 24.04 9.87 -1.83
C ARG A 122 23.02 10.03 -0.72
N PHE A 123 23.32 9.43 0.43
CA PHE A 123 22.47 9.45 1.60
C PHE A 123 23.32 9.32 2.85
N SER A 124 23.19 10.26 3.77
CA SER A 124 24.02 10.31 4.98
C SER A 124 23.16 10.27 6.24
N GLU A 125 23.81 10.24 7.39
CA GLU A 125 23.12 10.28 8.69
C GLU A 125 22.38 11.61 8.89
N VAL A 126 22.85 12.68 8.26
CA VAL A 126 22.15 13.98 8.30
C VAL A 126 20.79 13.87 7.62
N ASP A 127 20.77 13.20 6.46
CA ASP A 127 19.52 12.98 5.72
C ASP A 127 18.55 12.13 6.55
N ALA A 128 19.09 11.06 7.13
CA ALA A 128 18.31 10.15 7.98
C ALA A 128 17.77 10.86 9.22
N ALA A 129 18.61 11.67 9.87
CA ALA A 129 18.21 12.37 11.08
C ALA A 129 17.13 13.40 10.79
N ARG A 130 17.24 14.09 9.66
CA ARG A 130 16.20 15.02 9.24
C ARG A 130 14.87 14.30 8.98
N ILE A 131 14.94 13.12 8.38
CA ILE A 131 13.76 12.30 8.13
C ILE A 131 13.12 11.84 9.44
N ILE A 132 13.93 11.27 10.33
CA ILE A 132 13.41 10.75 11.59
C ILE A 132 12.88 11.85 12.51
N ARG A 133 13.52 13.02 12.52
CA ARG A 133 12.98 14.14 13.32
C ARG A 133 11.55 14.47 12.90
N GLN A 134 11.29 14.46 11.59
CA GLN A 134 9.95 14.75 11.06
C GLN A 134 8.96 13.70 11.49
N VAL A 135 9.36 12.43 11.41
CA VAL A 135 8.50 11.34 11.84
C VAL A 135 8.20 11.46 13.34
N LEU A 136 9.25 11.67 14.14
CA LEU A 136 9.08 11.80 15.59
C LEU A 136 8.24 13.02 15.99
N SER A 137 8.38 14.11 15.25
CA SER A 137 7.58 15.32 15.51
C SER A 137 6.09 15.05 15.30
N GLY A 138 5.78 14.40 14.17
CA GLY A 138 4.42 13.98 13.88
C GLY A 138 3.86 13.05 14.93
N ILE A 139 4.60 11.99 15.24
CA ILE A 139 4.17 11.03 16.27
C ILE A 139 3.97 11.72 17.62
N THR A 140 4.94 12.56 18.00
CA THR A 140 4.88 13.31 19.26
C THR A 140 3.56 14.05 19.36
N TYR A 141 3.24 14.79 18.30
CA TYR A 141 2.01 15.57 18.25
C TYR A 141 0.75 14.70 18.40
N MET A 142 0.71 13.58 17.69
CA MET A 142 -0.46 12.70 17.75
C MET A 142 -0.58 12.05 19.11
N HIS A 143 0.55 11.66 19.70
CA HIS A 143 0.57 11.09 21.05
C HIS A 143 0.07 12.08 22.10
N LYS A 144 0.37 13.36 21.95
CA LYS A 144 -0.18 14.37 22.88
C LYS A 144 -1.71 14.40 22.84
N ASN A 145 -2.27 14.02 21.70
CA ASN A 145 -3.71 13.97 21.51
C ASN A 145 -4.28 12.55 21.66
N LYS A 146 -3.47 11.64 22.23
CA LYS A 146 -3.90 10.28 22.55
C LYS A 146 -4.32 9.46 21.32
N ILE A 147 -3.66 9.72 20.19
CA ILE A 147 -3.91 8.96 18.95
C ILE A 147 -2.65 8.15 18.63
N VAL A 148 -2.85 6.83 18.46
CA VAL A 148 -1.78 5.86 18.20
C VAL A 148 -1.93 5.33 16.77
N HIS A 149 -0.83 5.16 16.07
CA HIS A 149 -0.86 4.62 14.71
C HIS A 149 -0.92 3.09 14.75
N ARG A 150 0.08 2.48 15.37
CA ARG A 150 0.21 1.01 15.52
C ARG A 150 0.78 0.31 14.29
N ASP A 151 0.39 0.74 13.08
CA ASP A 151 0.84 0.12 11.84
C ASP A 151 1.84 0.96 11.05
N LEU A 152 2.68 1.70 11.76
CA LEU A 152 3.62 2.61 11.13
C LEU A 152 4.68 1.83 10.33
N LYS A 153 4.86 2.21 9.08
CA LYS A 153 5.84 1.58 8.19
C LYS A 153 6.22 2.56 7.06
N PRO A 154 7.23 2.22 6.25
CA PRO A 154 7.67 3.15 5.21
C PRO A 154 6.59 3.62 4.25
N GLU A 155 5.65 2.75 3.86
CA GLU A 155 4.59 3.16 2.93
C GLU A 155 3.57 4.13 3.54
N ASN A 156 3.61 4.30 4.87
CA ASN A 156 2.83 5.35 5.53
C ASN A 156 3.56 6.69 5.61
N LEU A 157 4.78 6.76 5.08
CA LEU A 157 5.53 8.00 5.01
C LEU A 157 5.51 8.53 3.58
N LEU A 158 4.67 9.53 3.33
CA LEU A 158 4.59 10.16 2.02
C LEU A 158 5.37 11.47 2.01
N LEU A 159 5.85 11.88 0.83
CA LEU A 159 6.44 13.19 0.66
C LEU A 159 5.36 14.16 0.17
N GLU A 160 5.32 15.33 0.79
CA GLU A 160 4.26 16.32 0.52
C GLU A 160 4.19 16.71 -0.97
N SER A 161 5.35 16.91 -1.58
CA SER A 161 5.46 17.23 -3.01
C SER A 161 6.70 16.57 -3.60
N LYS A 162 6.89 16.72 -4.92
CA LYS A 162 8.08 16.19 -5.59
C LYS A 162 9.35 17.03 -5.38
N SER A 163 9.24 18.15 -4.65
CA SER A 163 10.41 18.98 -4.33
C SER A 163 11.43 18.21 -3.51
N LYS A 164 12.71 18.53 -3.72
CA LYS A 164 13.82 17.83 -3.06
C LYS A 164 13.78 17.95 -1.52
N ASP A 165 13.23 19.04 -1.02
CA ASP A 165 13.19 19.31 0.43
C ASP A 165 11.81 19.06 1.05
N ALA A 166 10.98 18.26 0.39
CA ALA A 166 9.56 18.14 0.77
C ALA A 166 9.38 17.52 2.14
N ASN A 167 8.40 18.01 2.89
CA ASN A 167 8.09 17.45 4.19
C ASN A 167 7.47 16.07 4.10
N ILE A 168 7.74 15.25 5.11
CA ILE A 168 7.13 13.93 5.23
C ILE A 168 5.73 14.11 5.84
N ARG A 169 4.76 13.41 5.29
CA ARG A 169 3.39 13.40 5.81
C ARG A 169 3.05 11.96 6.14
N ILE A 170 2.75 11.70 7.41
CA ILE A 170 2.38 10.36 7.84
C ILE A 170 0.89 10.13 7.59
N ILE A 171 0.58 9.02 6.93
CA ILE A 171 -0.80 8.63 6.67
C ILE A 171 -1.25 7.46 7.57
N ASP A 172 -2.56 7.36 7.76
CA ASP A 172 -3.25 6.28 8.49
C ASP A 172 -3.28 6.38 10.03
N PHE A 173 -2.81 7.50 10.59
CA PHE A 173 -2.98 7.71 12.03
C PHE A 173 -4.46 7.65 12.38
N GLY A 174 -4.79 6.84 13.39
CA GLY A 174 -6.14 6.74 13.88
C GLY A 174 -6.95 5.60 13.32
N LEU A 175 -6.52 5.01 12.20
CA LEU A 175 -7.30 3.96 11.54
C LEU A 175 -7.32 2.62 12.28
N SER A 176 -6.16 2.13 12.71
CA SER A 176 -6.07 0.81 13.36
C SER A 176 -6.93 0.71 14.62
N THR A 177 -7.12 1.83 15.29
CA THR A 177 -7.95 1.91 16.49
C THR A 177 -9.41 1.57 16.18
N HIS A 178 -9.88 1.93 14.97
CA HIS A 178 -11.31 1.79 14.64
C HIS A 178 -11.68 0.70 13.64
N PHE A 179 -10.69 0.11 12.99
CA PHE A 179 -10.93 -0.96 12.00
C PHE A 179 -9.99 -2.14 12.18
N GLU A 180 -10.51 -3.35 12.01
CA GLU A 180 -9.68 -4.56 12.06
C GLU A 180 -8.91 -4.72 10.75
N ALA A 181 -7.62 -5.06 10.87
CA ALA A 181 -6.74 -5.19 9.72
C ALA A 181 -7.08 -6.43 8.89
N SER A 182 -6.72 -6.38 7.62
CA SER A 182 -6.91 -7.50 6.71
C SER A 182 -6.03 -8.68 7.11
N LYS A 183 -6.55 -9.88 6.92
CA LYS A 183 -5.79 -11.12 7.09
C LYS A 183 -5.25 -11.62 5.74
N LYS A 184 -5.68 -11.00 4.65
CA LYS A 184 -5.22 -11.36 3.31
C LYS A 184 -3.76 -10.93 3.15
N MET A 185 -2.93 -11.84 2.63
CA MET A 185 -1.50 -11.57 2.52
C MET A 185 -1.20 -10.40 1.58
N LYS A 186 -2.00 -10.24 0.53
CA LYS A 186 -1.84 -9.10 -0.39
C LYS A 186 -1.93 -7.76 0.34
N ASP A 187 -2.65 -7.74 1.47
CA ASP A 187 -2.74 -6.58 2.35
C ASP A 187 -1.65 -6.57 3.44
N LYS A 188 -1.17 -7.75 3.83
CA LYS A 188 -0.21 -7.87 4.93
C LYS A 188 1.28 -7.81 4.52
N ILE A 189 1.56 -7.56 3.24
CA ILE A 189 2.96 -7.47 2.79
C ILE A 189 3.67 -6.32 3.48
N GLY A 190 4.84 -6.61 4.04
CA GLY A 190 5.68 -5.60 4.65
C GLY A 190 5.22 -5.11 6.01
N THR A 191 4.31 -5.83 6.65
CA THR A 191 3.80 -5.41 7.96
C THR A 191 4.63 -5.98 9.10
N ALA A 192 5.13 -7.21 8.94
CA ALA A 192 5.74 -7.95 10.02
C ALA A 192 7.05 -7.34 10.52
N TYR A 193 7.80 -6.69 9.63
CA TYR A 193 9.07 -6.07 10.01
C TYR A 193 8.91 -4.99 11.10
N TYR A 194 7.79 -4.26 11.08
CA TYR A 194 7.66 -2.97 11.80
C TYR A 194 6.80 -3.03 13.06
N ILE A 195 6.03 -4.09 13.20
CA ILE A 195 5.08 -4.23 14.30
C ILE A 195 5.80 -4.45 15.65
N ALA A 196 5.34 -3.76 16.69
CA ALA A 196 5.97 -3.89 18.01
C ALA A 196 5.58 -5.22 18.67
N PRO A 197 6.50 -5.84 19.44
CA PRO A 197 6.23 -7.13 20.08
C PRO A 197 4.96 -7.14 20.93
N GLU A 198 4.73 -6.07 21.68
CA GLU A 198 3.56 -5.95 22.57
C GLU A 198 2.24 -5.91 21.79
N VAL A 199 2.28 -5.42 20.56
CA VAL A 199 1.11 -5.47 19.68
C VAL A 199 0.75 -6.94 19.40
N LEU A 200 1.75 -7.79 19.22
CA LEU A 200 1.50 -9.21 18.95
C LEU A 200 0.78 -9.90 20.11
N HIS A 201 1.11 -9.52 21.35
CA HIS A 201 0.55 -10.20 22.53
C HIS A 201 -0.69 -9.53 23.13
N GLY A 202 -1.04 -8.34 22.67
CA GLY A 202 -2.33 -7.74 22.99
C GLY A 202 -2.34 -6.49 23.86
N THR A 203 -1.35 -6.32 24.73
CA THR A 203 -1.29 -5.13 25.58
C THR A 203 -0.33 -4.13 24.96
N TYR A 204 -0.87 -3.04 24.40
CA TYR A 204 -0.02 -2.02 23.79
C TYR A 204 -0.54 -0.62 24.02
N ASP A 205 0.36 0.35 23.84
CA ASP A 205 0.04 1.76 24.02
C ASP A 205 0.82 2.56 22.99
N GLU A 206 0.81 3.88 23.12
CA GLU A 206 1.45 4.74 22.15
C GLU A 206 2.92 4.40 21.86
N LYS A 207 3.61 3.74 22.79
CA LYS A 207 5.04 3.38 22.62
C LYS A 207 5.34 2.44 21.46
N CYS A 208 4.33 1.70 20.99
CA CYS A 208 4.50 0.84 19.81
C CYS A 208 4.91 1.62 18.58
N ASP A 209 4.49 2.88 18.49
CA ASP A 209 4.90 3.76 17.37
C ASP A 209 6.39 4.10 17.39
N VAL A 210 6.97 4.19 18.59
CA VAL A 210 8.42 4.42 18.73
C VAL A 210 9.21 3.20 18.27
N TRP A 211 8.74 2.00 18.62
CA TRP A 211 9.35 0.76 18.15
C TRP A 211 9.41 0.74 16.62
N SER A 212 8.25 0.92 15.99
CA SER A 212 8.17 0.91 14.52
C SER A 212 9.11 1.95 13.90
N THR A 213 9.24 3.12 14.52
CA THR A 213 10.14 4.16 14.01
C THR A 213 11.61 3.76 14.16
N GLY A 214 11.92 3.09 15.27
CA GLY A 214 13.22 2.45 15.46
C GLY A 214 13.58 1.47 14.36
N VAL A 215 12.62 0.63 13.97
CA VAL A 215 12.84 -0.33 12.88
C VAL A 215 13.13 0.43 11.58
N ILE A 216 12.33 1.46 11.31
CA ILE A 216 12.52 2.30 10.13
C ILE A 216 13.91 2.96 10.13
N LEU A 217 14.31 3.54 11.26
CA LEU A 217 15.65 4.13 11.40
C LEU A 217 16.76 3.11 11.12
N TYR A 218 16.61 1.91 11.68
CA TYR A 218 17.59 0.85 11.48
C TYR A 218 17.78 0.57 9.99
N ILE A 219 16.67 0.54 9.27
CA ILE A 219 16.67 0.28 7.84
C ILE A 219 17.28 1.47 7.08
N LEU A 220 16.96 2.69 7.50
CA LEU A 220 17.51 3.87 6.85
C LEU A 220 19.04 3.89 6.89
N LEU A 221 19.62 3.41 7.99
CA LEU A 221 21.06 3.46 8.18
C LEU A 221 21.81 2.21 7.67
N SER A 222 21.11 1.08 7.54
CA SER A 222 21.73 -0.17 7.06
C SER A 222 21.13 -0.74 5.79
N GLY A 223 19.88 -0.40 5.50
CA GLY A 223 19.16 -0.95 4.35
C GLY A 223 18.62 -2.37 4.51
N CYS A 224 18.72 -2.92 5.74
CA CYS A 224 18.28 -4.26 6.05
C CYS A 224 17.39 -4.21 7.29
N PRO A 225 16.27 -4.97 7.31
CA PRO A 225 15.45 -4.98 8.53
C PRO A 225 16.18 -5.62 9.72
N PRO A 226 15.98 -5.08 10.95
CA PRO A 226 16.61 -5.68 12.12
C PRO A 226 16.06 -7.08 12.44
N PHE A 227 14.77 -7.29 12.19
CA PHE A 227 14.12 -8.58 12.37
C PHE A 227 13.68 -9.09 11.00
N ASN A 228 14.31 -10.16 10.54
CA ASN A 228 14.09 -10.64 9.19
C ASN A 228 13.96 -12.16 9.21
N GLY A 229 13.48 -12.71 8.11
CA GLY A 229 13.24 -14.14 8.02
C GLY A 229 12.72 -14.50 6.64
N ALA A 230 12.64 -15.80 6.37
CA ALA A 230 12.29 -16.32 5.04
C ALA A 230 10.79 -16.24 4.74
N ASN A 231 9.98 -15.87 5.72
CA ASN A 231 8.54 -15.76 5.55
C ASN A 231 7.94 -14.96 6.71
N GLU A 232 6.65 -14.65 6.63
CA GLU A 232 6.03 -13.77 7.60
C GLU A 232 6.18 -14.28 9.03
N TYR A 233 5.83 -15.54 9.27
CA TYR A 233 5.83 -16.06 10.62
C TYR A 233 7.23 -16.13 11.21
N ASP A 234 8.22 -16.40 10.37
CA ASP A 234 9.63 -16.33 10.79
C ASP A 234 10.04 -14.91 11.19
N ILE A 235 9.56 -13.90 10.46
CA ILE A 235 9.81 -12.52 10.83
C ILE A 235 9.16 -12.22 12.18
N LEU A 236 7.90 -12.63 12.34
CA LEU A 236 7.17 -12.39 13.59
C LEU A 236 7.85 -13.07 14.79
N LYS A 237 8.44 -14.26 14.56
CA LYS A 237 9.16 -14.96 15.62
C LYS A 237 10.37 -14.17 16.12
N LYS A 238 11.12 -13.60 15.17
CA LYS A 238 12.25 -12.72 15.51
C LYS A 238 11.81 -11.48 16.27
N VAL A 239 10.73 -10.84 15.80
CA VAL A 239 10.19 -9.65 16.43
C VAL A 239 9.84 -9.97 17.87
N GLU A 240 9.15 -11.09 18.06
CA GLU A 240 8.66 -11.50 19.38
C GLU A 240 9.80 -11.73 20.39
N LYS A 241 10.89 -12.35 19.93
CA LYS A 241 12.10 -12.48 20.75
C LYS A 241 12.78 -11.14 21.01
N GLY A 242 12.62 -10.22 20.06
CA GLY A 242 13.08 -8.84 20.22
C GLY A 242 14.57 -8.60 20.09
N LYS A 243 15.33 -9.61 19.69
CA LYS A 243 16.80 -9.48 19.65
C LYS A 243 17.30 -9.11 18.25
N TYR A 244 18.30 -8.24 18.23
CA TYR A 244 18.88 -7.74 16.98
C TYR A 244 20.32 -7.39 17.29
N THR A 245 21.13 -7.22 16.24
CA THR A 245 22.52 -6.84 16.42
C THR A 245 22.90 -5.74 15.44
N PHE A 246 24.06 -5.15 15.69
CA PHE A 246 24.65 -4.16 14.80
C PHE A 246 25.97 -4.68 14.21
N GLU A 247 26.09 -6.00 14.04
CA GLU A 247 27.36 -6.60 13.65
C GLU A 247 27.62 -6.63 12.14
N LEU A 248 26.63 -6.25 11.34
CA LEU A 248 26.80 -6.13 9.88
C LEU A 248 27.88 -5.09 9.56
N PRO A 249 28.59 -5.26 8.42
CA PRO A 249 29.73 -4.39 8.10
C PRO A 249 29.39 -2.90 8.01
N GLN A 250 28.23 -2.57 7.43
CA GLN A 250 27.86 -1.17 7.23
C GLN A 250 27.55 -0.39 8.51
N TRP A 251 27.41 -1.08 9.64
CA TRP A 251 27.25 -0.42 10.94
C TRP A 251 28.56 0.17 11.47
N LYS A 252 29.68 -0.19 10.85
CA LYS A 252 30.98 0.42 11.15
C LYS A 252 31.00 1.90 10.72
N LYS A 253 30.23 2.22 9.69
CA LYS A 253 30.10 3.60 9.20
C LYS A 253 29.27 4.48 10.13
N VAL A 254 28.40 3.87 10.94
CA VAL A 254 27.38 4.59 11.70
C VAL A 254 27.89 5.05 13.07
N SER A 255 27.48 6.26 13.45
CA SER A 255 27.83 6.83 14.74
C SER A 255 27.20 6.06 15.89
N GLU A 256 27.89 6.05 17.03
CA GLU A 256 27.40 5.38 18.23
C GLU A 256 26.09 5.99 18.71
N SER A 257 25.93 7.30 18.54
CA SER A 257 24.71 7.97 18.99
C SER A 257 23.47 7.47 18.25
N ALA A 258 23.60 7.21 16.94
CA ALA A 258 22.50 6.65 16.16
C ALA A 258 22.12 5.25 16.67
N LYS A 259 23.13 4.41 16.91
CA LYS A 259 22.89 3.06 17.44
C LYS A 259 22.30 3.14 18.86
N ASP A 260 22.75 4.11 19.65
CA ASP A 260 22.19 4.32 20.98
C ASP A 260 20.71 4.68 20.92
N LEU A 261 20.33 5.53 19.97
CA LEU A 261 18.92 5.93 19.82
C LEU A 261 18.07 4.75 19.38
N ILE A 262 18.57 4.00 18.40
CA ILE A 262 17.88 2.79 17.96
C ILE A 262 17.66 1.83 19.13
N ARG A 263 18.69 1.62 19.96
CA ARG A 263 18.56 0.74 21.12
C ARG A 263 17.41 1.20 22.00
N LYS A 264 17.34 2.51 22.22
CA LYS A 264 16.33 3.08 23.10
C LYS A 264 14.92 2.95 22.52
N MET A 265 14.81 3.02 21.20
CA MET A 265 13.53 2.86 20.52
C MET A 265 13.15 1.38 20.40
N LEU A 266 14.14 0.49 20.31
CA LEU A 266 13.89 -0.97 20.23
C LEU A 266 14.10 -1.64 21.59
N THR A 267 13.76 -0.93 22.67
CA THR A 267 13.77 -1.52 23.99
C THR A 267 12.48 -2.32 24.14
N TYR A 268 12.60 -3.54 24.65
CA TYR A 268 11.51 -4.50 24.61
C TYR A 268 10.31 -4.10 25.47
N VAL A 269 10.58 -3.79 26.73
CA VAL A 269 9.51 -3.42 27.66
C VAL A 269 9.11 -1.98 27.38
N PRO A 270 7.86 -1.75 26.97
CA PRO A 270 7.48 -0.41 26.53
C PRO A 270 7.65 0.69 27.57
N SER A 271 7.43 0.39 28.85
CA SER A 271 7.66 1.38 29.91
C SER A 271 9.12 1.84 29.97
N MET A 272 10.05 1.00 29.52
CA MET A 272 11.47 1.33 29.51
CA MET A 272 11.47 1.33 29.51
C MET A 272 11.91 1.94 28.18
N ARG A 273 11.05 1.86 27.17
CA ARG A 273 11.34 2.41 25.85
C ARG A 273 11.17 3.92 25.85
N ILE A 274 12.05 4.60 25.12
CA ILE A 274 12.02 6.05 25.00
C ILE A 274 10.73 6.52 24.35
N SER A 275 10.20 7.64 24.85
CA SER A 275 9.04 8.28 24.24
C SER A 275 9.43 8.99 22.94
N ALA A 276 8.45 9.32 22.12
CA ALA A 276 8.70 10.04 20.88
C ALA A 276 9.29 11.41 21.21
N ARG A 277 8.71 12.09 22.20
CA ARG A 277 9.13 13.44 22.54
C ARG A 277 10.56 13.48 23.08
N ASP A 278 10.92 12.47 23.87
CA ASP A 278 12.28 12.38 24.41
C ASP A 278 13.29 12.05 23.31
N ALA A 279 12.90 11.23 22.34
CA ALA A 279 13.76 10.90 21.21
C ALA A 279 14.12 12.13 20.37
N LEU A 280 13.21 13.10 20.28
CA LEU A 280 13.49 14.39 19.62
C LEU A 280 14.66 15.15 20.28
N ASP A 281 14.89 14.89 21.57
CA ASP A 281 16.00 15.52 22.29
C ASP A 281 17.25 14.66 22.36
N HIS A 282 17.23 13.49 21.71
CA HIS A 282 18.37 12.59 21.77
C HIS A 282 19.57 13.24 21.06
N GLU A 283 20.76 12.99 21.60
CA GLU A 283 22.01 13.50 21.04
C GLU A 283 22.10 13.41 19.51
N TRP A 284 21.84 12.23 18.96
CA TRP A 284 21.88 11.99 17.51
C TRP A 284 20.99 12.92 16.69
N ILE A 285 19.77 13.15 17.16
CA ILE A 285 18.86 14.08 16.47
C ILE A 285 19.37 15.51 16.60
N GLN A 286 19.84 15.87 17.80
CA GLN A 286 20.32 17.24 18.05
C GLN A 286 21.57 17.56 17.23
N THR A 287 22.49 16.59 17.13
CA THR A 287 23.73 16.78 16.38
C THR A 287 23.52 16.84 14.86
N TYR A 288 22.78 15.87 14.32
CA TYR A 288 22.73 15.69 12.88
C TYR A 288 21.65 16.49 12.14
N THR A 289 20.74 17.13 12.89
CA THR A 289 19.70 17.95 12.25
C THR A 289 19.98 19.46 12.32
N LYS A 290 20.91 19.89 13.16
CA LYS A 290 21.21 21.33 13.31
C LYS A 290 22.05 21.88 12.15
N ASP A 296 32.02 16.55 6.76
CA ASP A 296 31.80 16.16 8.14
C ASP A 296 31.21 14.75 8.26
N VAL A 297 30.30 14.42 7.33
CA VAL A 297 29.59 13.14 7.37
C VAL A 297 29.63 12.42 6.00
N PRO A 298 30.08 11.16 5.98
CA PRO A 298 30.18 10.42 4.72
C PRO A 298 28.83 9.91 4.21
N SER A 299 28.82 9.43 2.97
CA SER A 299 27.62 8.87 2.38
C SER A 299 27.49 7.39 2.75
N LEU A 300 26.27 6.98 3.09
CA LEU A 300 25.97 5.59 3.39
C LEU A 300 25.63 4.84 2.09
N ASP A 301 26.65 4.58 1.28
CA ASP A 301 26.45 3.98 -0.05
C ASP A 301 25.96 2.54 0.00
N ASN A 302 26.46 1.75 0.95
CA ASN A 302 26.03 0.37 1.11
C ASN A 302 24.57 0.29 1.55
N ALA A 303 24.13 1.25 2.36
CA ALA A 303 22.76 1.30 2.85
C ALA A 303 21.76 1.60 1.71
N ILE A 304 22.09 2.58 0.89
CA ILE A 304 21.21 2.97 -0.23
C ILE A 304 21.06 1.81 -1.24
N LEU A 305 22.14 1.06 -1.45
CA LEU A 305 22.10 -0.12 -2.33
C LEU A 305 21.23 -1.22 -1.72
N ASN A 306 21.36 -1.43 -0.43
CA ASN A 306 20.54 -2.41 0.28
C ASN A 306 19.07 -2.01 0.33
N ILE A 307 18.79 -0.72 0.53
CA ILE A 307 17.41 -0.22 0.47
C ILE A 307 16.82 -0.39 -0.92
N ARG A 308 17.61 -0.15 -1.96
CA ARG A 308 17.13 -0.33 -3.35
C ARG A 308 16.72 -1.79 -3.58
N GLN A 309 17.51 -2.73 -3.08
CA GLN A 309 17.19 -4.16 -3.18
C GLN A 309 15.98 -4.53 -2.32
N PHE A 310 15.94 -3.99 -1.10
CA PHE A 310 14.82 -4.21 -0.21
C PHE A 310 13.53 -3.73 -0.86
N GLN A 311 13.52 -2.47 -1.28
CA GLN A 311 12.36 -1.86 -1.91
C GLN A 311 11.91 -2.59 -3.18
N GLY A 312 12.87 -2.90 -4.05
CA GLY A 312 12.58 -3.60 -5.30
C GLY A 312 11.92 -4.93 -5.02
N THR A 313 12.48 -5.66 -4.07
CA THR A 313 11.98 -6.96 -3.67
C THR A 313 10.56 -6.85 -3.13
N GLN A 314 10.36 -5.88 -2.24
CA GLN A 314 9.05 -5.66 -1.63
C GLN A 314 7.98 -5.30 -2.67
N LYS A 315 8.32 -4.41 -3.60
CA LYS A 315 7.31 -3.96 -4.58
C LYS A 315 6.95 -5.06 -5.59
N LEU A 316 7.90 -5.91 -5.95
CA LEU A 316 7.64 -7.02 -6.87
C LEU A 316 6.79 -8.10 -6.21
N ALA A 317 7.07 -8.42 -4.95
CA ALA A 317 6.19 -9.32 -4.18
C ALA A 317 4.76 -8.78 -4.14
N GLN A 318 4.60 -7.49 -3.84
CA GLN A 318 3.28 -6.87 -3.79
CA GLN A 318 3.28 -6.85 -3.80
C GLN A 318 2.59 -6.94 -5.16
N ALA A 319 3.33 -6.59 -6.21
CA ALA A 319 2.78 -6.61 -7.56
C ALA A 319 2.37 -8.03 -7.96
N ALA A 320 3.15 -9.03 -7.55
CA ALA A 320 2.83 -10.43 -7.82
C ALA A 320 1.48 -10.82 -7.22
N LEU A 321 1.31 -10.52 -5.94
CA LEU A 321 0.04 -10.78 -5.26
C LEU A 321 -1.12 -10.02 -5.88
N LEU A 322 -0.89 -8.76 -6.26
CA LEU A 322 -1.94 -7.94 -6.87
C LEU A 322 -2.33 -8.47 -8.25
N TYR A 323 -1.33 -8.92 -9.02
CA TYR A 323 -1.58 -9.55 -10.32
C TYR A 323 -2.46 -10.79 -10.15
N MET A 324 -2.09 -11.64 -9.19
CA MET A 324 -2.85 -12.87 -8.93
C MET A 324 -4.26 -12.52 -8.46
N GLY A 325 -4.38 -11.53 -7.59
CA GLY A 325 -5.68 -10.99 -7.15
C GLY A 325 -6.50 -10.47 -8.31
N SER A 326 -5.86 -9.79 -9.26
CA SER A 326 -6.57 -9.22 -10.41
C SER A 326 -7.07 -10.32 -11.35
N LYS A 327 -6.30 -11.39 -11.49
CA LYS A 327 -6.74 -12.53 -12.30
C LYS A 327 -7.98 -13.19 -11.68
N LEU A 328 -7.99 -13.34 -10.36
CA LEU A 328 -9.14 -13.94 -9.69
C LEU A 328 -10.38 -13.03 -9.78
N THR A 329 -10.18 -11.72 -9.58
CA THR A 329 -11.27 -10.76 -9.73
C THR A 329 -11.85 -10.81 -11.14
N SER A 330 -10.98 -10.97 -12.14
CA SER A 330 -11.43 -11.11 -13.53
C SER A 330 -12.26 -12.37 -13.79
N GLN A 331 -11.83 -13.51 -13.26
CA GLN A 331 -12.62 -14.74 -13.37
C GLN A 331 -14.02 -14.53 -12.78
N ASP A 332 -14.07 -13.93 -11.60
CA ASP A 332 -15.31 -13.63 -10.91
C ASP A 332 -16.19 -12.67 -11.72
N GLU A 333 -15.65 -11.48 -12.01
CA GLU A 333 -16.40 -10.42 -12.69
C GLU A 333 -16.83 -10.73 -14.13
N THR A 334 -16.03 -11.48 -14.86
CA THR A 334 -16.36 -11.82 -16.26
C THR A 334 -17.65 -12.62 -16.30
N LYS A 335 -17.74 -13.65 -15.46
CA LYS A 335 -18.91 -14.52 -15.44
C LYS A 335 -20.13 -13.81 -14.85
N GLU A 336 -19.92 -12.98 -13.84
CA GLU A 336 -21.04 -12.25 -13.23
C GLU A 336 -21.63 -11.25 -14.23
N LEU A 337 -20.75 -10.53 -14.92
CA LEU A 337 -21.19 -9.54 -15.89
C LEU A 337 -21.94 -10.18 -17.08
N THR A 338 -21.46 -11.35 -17.51
CA THR A 338 -22.13 -12.13 -18.55
C THR A 338 -23.51 -12.62 -18.11
N ALA A 339 -23.62 -13.06 -16.85
CA ALA A 339 -24.89 -13.53 -16.29
C ALA A 339 -25.89 -12.38 -16.10
N ILE A 340 -25.39 -11.21 -15.69
CA ILE A 340 -26.25 -10.03 -15.54
C ILE A 340 -26.85 -9.60 -16.88
N PHE A 341 -26.02 -9.54 -17.93
CA PHE A 341 -26.53 -9.17 -19.25
C PHE A 341 -27.43 -10.22 -19.87
N HIS A 342 -27.11 -11.50 -19.65
CA HIS A 342 -27.98 -12.59 -20.09
C HIS A 342 -29.40 -12.44 -19.53
N LYS A 343 -29.49 -12.09 -18.24
CA LYS A 343 -30.79 -11.86 -17.60
C LYS A 343 -31.53 -10.68 -18.26
N MET A 344 -30.80 -9.60 -18.50
CA MET A 344 -31.33 -8.39 -19.11
C MET A 344 -31.79 -8.61 -20.56
N ASP A 345 -31.07 -9.47 -21.29
CA ASP A 345 -31.36 -9.73 -22.69
C ASP A 345 -32.61 -10.63 -22.81
N LYS A 346 -33.77 -9.99 -22.76
CA LYS A 346 -35.06 -10.68 -22.73
C LYS A 346 -35.25 -11.69 -23.86
N ASN A 347 -35.22 -11.22 -25.10
CA ASN A 347 -35.44 -12.10 -26.25
C ASN A 347 -34.23 -13.00 -26.56
N GLY A 348 -33.07 -12.65 -26.00
CA GLY A 348 -31.90 -13.53 -26.05
C GLY A 348 -31.16 -13.54 -27.36
N ASP A 349 -31.03 -12.37 -28.00
CA ASP A 349 -30.27 -12.24 -29.25
C ASP A 349 -28.87 -11.66 -29.03
N GLY A 350 -28.49 -11.44 -27.77
CA GLY A 350 -27.15 -10.98 -27.41
C GLY A 350 -26.88 -9.49 -27.57
N GLN A 351 -27.91 -8.70 -27.89
CA GLN A 351 -27.74 -7.26 -28.16
C GLN A 351 -28.38 -6.42 -27.07
N LEU A 352 -27.62 -5.49 -26.51
CA LEU A 352 -28.12 -4.52 -25.53
C LEU A 352 -27.63 -3.14 -25.93
N ASP A 353 -28.36 -2.09 -25.52
CA ASP A 353 -27.95 -0.73 -25.83
C ASP A 353 -27.06 -0.17 -24.73
N ARG A 354 -26.48 1.00 -24.97
CA ARG A 354 -25.50 1.60 -24.07
C ARG A 354 -26.07 1.82 -22.67
N ALA A 355 -27.32 2.28 -22.58
CA ALA A 355 -27.95 2.50 -21.29
C ALA A 355 -28.06 1.20 -20.50
N GLU A 356 -28.36 0.11 -21.20
CA GLU A 356 -28.47 -1.21 -20.57
C GLU A 356 -27.11 -1.71 -20.10
N LEU A 357 -26.08 -1.51 -20.92
CA LEU A 357 -24.71 -1.85 -20.53
C LEU A 357 -24.33 -1.10 -19.25
N ILE A 358 -24.73 0.17 -19.15
CA ILE A 358 -24.47 0.97 -17.96
C ILE A 358 -25.20 0.39 -16.75
N GLU A 359 -26.47 0.04 -16.92
CA GLU A 359 -27.32 -0.52 -15.86
C GLU A 359 -26.74 -1.85 -15.34
N GLY A 360 -26.26 -2.68 -16.25
CA GLY A 360 -25.64 -3.96 -15.89
C GLY A 360 -24.28 -3.80 -15.24
N TYR A 361 -23.49 -2.85 -15.73
CA TYR A 361 -22.16 -2.57 -15.16
C TYR A 361 -22.30 -1.95 -13.78
N LYS A 362 -23.36 -1.15 -13.60
CA LYS A 362 -23.73 -0.64 -12.27
C LYS A 362 -24.06 -1.80 -11.35
N GLU A 363 -24.97 -2.66 -11.79
CA GLU A 363 -25.32 -3.90 -11.10
C GLU A 363 -24.10 -4.69 -10.64
N LEU A 364 -23.06 -4.74 -11.47
CA LEU A 364 -21.82 -5.45 -11.13
C LEU A 364 -21.02 -4.72 -10.04
N MET A 365 -20.58 -3.50 -10.35
CA MET A 365 -19.75 -2.71 -9.43
C MET A 365 -20.49 -2.42 -8.11
N ARG A 366 -21.81 -2.47 -8.15
CA ARG A 366 -22.67 -2.35 -6.96
C ARG A 366 -22.29 -3.36 -5.88
N MET A 367 -22.22 -4.63 -6.24
CA MET A 367 -21.95 -5.71 -5.27
C MET A 367 -20.47 -5.72 -4.90
N LYS A 368 -19.62 -5.68 -5.93
CA LYS A 368 -18.19 -5.86 -5.79
C LYS A 368 -17.56 -4.59 -5.25
N GLY A 369 -16.64 -4.72 -4.29
CA GLY A 369 -15.91 -3.58 -3.74
C GLY A 369 -14.59 -3.32 -4.45
N GLN A 370 -14.45 -3.83 -5.67
CA GLN A 370 -13.16 -3.82 -6.38
C GLN A 370 -12.77 -2.43 -6.89
N ASP A 371 -13.61 -1.84 -7.73
CA ASP A 371 -13.29 -0.56 -8.37
C ASP A 371 -13.97 0.61 -7.65
N ALA A 372 -13.18 1.34 -6.86
CA ALA A 372 -13.67 2.49 -6.12
C ALA A 372 -13.89 3.71 -7.03
N SER A 373 -13.22 3.76 -8.17
CA SER A 373 -13.43 4.86 -9.14
C SER A 373 -14.77 4.75 -9.88
N MET A 374 -15.54 3.70 -9.59
CA MET A 374 -16.86 3.50 -10.16
C MET A 374 -17.92 3.70 -9.07
N LEU A 375 -17.79 4.80 -8.35
CA LEU A 375 -18.59 5.06 -7.15
C LEU A 375 -19.90 5.80 -7.42
N ASP A 376 -20.03 6.39 -8.61
CA ASP A 376 -21.27 7.03 -9.02
C ASP A 376 -21.60 6.72 -10.47
N ALA A 377 -22.86 7.01 -10.85
CA ALA A 377 -23.36 6.72 -12.19
C ALA A 377 -22.54 7.39 -13.30
N SER A 378 -22.08 8.60 -13.05
CA SER A 378 -21.35 9.38 -14.04
C SER A 378 -20.00 8.72 -14.41
N ALA A 379 -19.32 8.17 -13.41
CA ALA A 379 -18.06 7.47 -13.63
C ALA A 379 -18.28 6.17 -14.39
N VAL A 380 -19.43 5.53 -14.17
CA VAL A 380 -19.78 4.30 -14.88
C VAL A 380 -20.13 4.61 -16.34
N GLU A 381 -20.91 5.67 -16.56
CA GLU A 381 -21.20 6.14 -17.91
C GLU A 381 -19.89 6.34 -18.68
N HIS A 382 -18.93 7.02 -18.05
CA HIS A 382 -17.65 7.29 -18.69
C HIS A 382 -16.86 6.01 -18.99
N GLU A 383 -16.82 5.08 -18.04
CA GLU A 383 -16.08 3.83 -18.23
C GLU A 383 -16.66 2.99 -19.37
N VAL A 384 -17.99 2.92 -19.45
CA VAL A 384 -18.66 2.20 -20.51
C VAL A 384 -18.31 2.81 -21.87
N ASP A 385 -18.29 4.14 -21.95
CA ASP A 385 -17.95 4.82 -23.20
C ASP A 385 -16.50 4.56 -23.64
N GLN A 386 -15.59 4.42 -22.67
CA GLN A 386 -14.18 4.12 -22.98
C GLN A 386 -14.00 2.73 -23.59
N VAL A 387 -14.79 1.76 -23.12
CA VAL A 387 -14.75 0.40 -23.65
C VAL A 387 -15.31 0.34 -25.07
N LEU A 388 -16.44 1.00 -25.28
CA LEU A 388 -17.07 1.06 -26.59
C LEU A 388 -16.14 1.76 -27.59
N ASP A 389 -15.51 2.86 -27.14
CA ASP A 389 -14.55 3.59 -27.99
C ASP A 389 -13.30 2.77 -28.30
N ALA A 390 -12.93 1.84 -27.41
CA ALA A 390 -11.77 0.98 -27.65
C ALA A 390 -12.05 -0.03 -28.75
N VAL A 391 -13.22 -0.65 -28.70
CA VAL A 391 -13.60 -1.71 -29.65
C VAL A 391 -14.24 -1.17 -30.95
N ASP A 392 -14.31 0.15 -31.09
CA ASP A 392 -14.92 0.78 -32.27
C ASP A 392 -16.40 0.42 -32.45
N PHE A 393 -17.12 0.19 -31.35
CA PHE A 393 -18.57 -0.01 -31.41
C PHE A 393 -19.27 1.34 -31.31
N ASP A 394 -20.30 1.54 -32.11
CA ASP A 394 -21.08 2.77 -32.04
C ASP A 394 -21.90 2.77 -30.76
N LYS A 395 -21.80 3.85 -30.00
CA LYS A 395 -22.39 3.90 -28.68
C LYS A 395 -23.88 4.28 -28.68
N ASN A 396 -24.41 4.64 -29.84
CA ASN A 396 -25.79 5.11 -29.92
CA ASN A 396 -25.79 5.14 -29.99
C ASN A 396 -26.77 4.07 -30.48
N GLY A 397 -26.25 2.90 -30.83
CA GLY A 397 -27.06 1.77 -31.30
C GLY A 397 -27.01 0.61 -30.32
N TYR A 398 -27.50 -0.54 -30.75
CA TYR A 398 -27.44 -1.75 -29.94
C TYR A 398 -26.13 -2.49 -30.21
N ILE A 399 -25.61 -3.13 -29.16
CA ILE A 399 -24.24 -3.63 -29.10
C ILE A 399 -24.26 -5.11 -28.71
N GLU A 400 -23.36 -5.89 -29.31
CA GLU A 400 -23.13 -7.28 -28.88
C GLU A 400 -22.46 -7.29 -27.51
N TYR A 401 -23.22 -7.60 -26.45
CA TYR A 401 -22.70 -7.45 -25.10
C TYR A 401 -21.52 -8.38 -24.79
N SER A 402 -21.51 -9.57 -25.38
CA SER A 402 -20.43 -10.53 -25.16
C SER A 402 -19.09 -9.97 -25.60
N GLU A 403 -19.10 -9.17 -26.66
CA GLU A 403 -17.88 -8.49 -27.13
C GLU A 403 -17.51 -7.35 -26.19
N PHE A 404 -18.52 -6.65 -25.65
CA PHE A 404 -18.27 -5.59 -24.66
C PHE A 404 -17.60 -6.15 -23.41
N VAL A 405 -18.09 -7.30 -22.94
CA VAL A 405 -17.56 -7.93 -21.72
C VAL A 405 -16.08 -8.26 -21.93
N THR A 406 -15.79 -8.96 -23.03
CA THR A 406 -14.43 -9.35 -23.37
C THR A 406 -13.46 -8.15 -23.37
N VAL A 407 -13.84 -7.07 -24.03
CA VAL A 407 -12.97 -5.88 -24.08
C VAL A 407 -12.86 -5.20 -22.72
N ALA A 408 -13.98 -5.08 -22.01
CA ALA A 408 -13.97 -4.48 -20.67
C ALA A 408 -13.03 -5.23 -19.73
N MET A 409 -13.03 -6.55 -19.82
CA MET A 409 -12.19 -7.39 -18.95
C MET A 409 -10.76 -7.51 -19.47
N ASP A 410 -10.59 -7.69 -20.79
CA ASP A 410 -9.25 -7.74 -21.40
C ASP A 410 -8.44 -6.47 -21.14
N ARG A 411 -9.11 -5.32 -21.07
CA ARG A 411 -8.44 -4.06 -20.70
C ARG A 411 -7.84 -4.15 -19.30
N LYS A 412 -8.63 -4.65 -18.35
CA LYS A 412 -8.15 -4.83 -16.98
C LYS A 412 -7.03 -5.88 -16.89
N THR A 413 -7.15 -6.95 -17.68
CA THR A 413 -6.13 -7.99 -17.76
C THR A 413 -4.81 -7.42 -18.29
N LEU A 414 -4.91 -6.57 -19.30
CA LEU A 414 -3.73 -5.95 -19.91
C LEU A 414 -3.06 -5.00 -18.91
N LEU A 415 -3.87 -4.16 -18.25
CA LEU A 415 -3.35 -3.20 -17.28
C LEU A 415 -2.64 -3.89 -16.11
N SER A 416 -3.21 -5.00 -15.67
CA SER A 416 -2.62 -5.81 -14.60
C SER A 416 -1.30 -6.43 -15.04
N ARG A 417 -1.28 -6.96 -16.26
CA ARG A 417 -0.07 -7.54 -16.83
C ARG A 417 1.05 -6.50 -16.94
N GLU A 418 0.70 -5.32 -17.44
CA GLU A 418 1.66 -4.23 -17.60
C GLU A 418 2.24 -3.74 -16.26
N ARG A 419 1.38 -3.66 -15.24
CA ARG A 419 1.82 -3.31 -13.88
C ARG A 419 2.84 -4.28 -13.31
N LEU A 420 2.60 -5.58 -13.52
CA LEU A 420 3.51 -6.63 -13.07
C LEU A 420 4.85 -6.54 -13.79
N GLU A 421 4.78 -6.33 -15.10
CA GLU A 421 5.97 -6.26 -15.93
C GLU A 421 6.86 -5.11 -15.50
N ARG A 422 6.26 -3.96 -15.19
CA ARG A 422 7.01 -2.80 -14.74
C ARG A 422 7.74 -3.10 -13.43
N ALA A 423 7.10 -3.86 -12.55
CA ALA A 423 7.72 -4.26 -11.30
C ALA A 423 8.86 -5.25 -11.54
N PHE A 424 8.67 -6.17 -12.48
CA PHE A 424 9.71 -7.12 -12.87
C PHE A 424 10.96 -6.38 -13.39
N ARG A 425 10.75 -5.42 -14.30
CA ARG A 425 11.87 -4.66 -14.87
C ARG A 425 12.60 -3.85 -13.80
N MET A 426 11.83 -3.21 -12.92
CA MET A 426 12.38 -2.49 -11.78
C MET A 426 13.27 -3.40 -10.93
N PHE A 427 12.79 -4.59 -10.63
CA PHE A 427 13.55 -5.54 -9.81
C PHE A 427 14.83 -6.03 -10.51
N ASP A 428 14.77 -6.16 -11.84
CA ASP A 428 15.89 -6.68 -12.63
C ASP A 428 16.87 -5.54 -12.94
N SER A 429 17.58 -5.09 -11.92
CA SER A 429 18.37 -3.85 -12.02
C SER A 429 19.56 -3.93 -12.98
N ASP A 430 20.10 -5.13 -13.24
CA ASP A 430 21.18 -5.32 -14.22
C ASP A 430 20.66 -5.54 -15.64
N ASN A 431 19.34 -5.47 -15.83
CA ASN A 431 18.73 -5.69 -17.15
C ASN A 431 19.14 -7.04 -17.76
N SER A 432 19.23 -8.07 -16.91
CA SER A 432 19.55 -9.43 -17.34
C SER A 432 18.39 -10.09 -18.08
N GLY A 433 17.18 -9.57 -17.85
CA GLY A 433 15.97 -10.19 -18.36
C GLY A 433 15.47 -11.35 -17.51
N LYS A 434 16.20 -11.71 -16.44
CA LYS A 434 15.92 -12.93 -15.68
C LYS A 434 15.83 -12.68 -14.18
N ILE A 435 15.08 -13.54 -13.50
CA ILE A 435 15.13 -13.62 -12.04
C ILE A 435 15.60 -15.04 -11.67
N SER A 436 16.65 -15.11 -10.85
CA SER A 436 17.21 -16.39 -10.41
C SER A 436 16.33 -17.08 -9.37
N SER A 437 16.57 -18.39 -9.19
CA SER A 437 15.88 -19.18 -8.18
C SER A 437 16.07 -18.62 -6.78
N THR A 438 17.28 -18.17 -6.47
CA THR A 438 17.57 -17.54 -5.18
C THR A 438 16.73 -16.28 -5.00
N GLU A 439 16.60 -15.49 -6.06
CA GLU A 439 15.78 -14.29 -6.04
C GLU A 439 14.29 -14.65 -5.91
N LEU A 440 13.83 -15.69 -6.62
CA LEU A 440 12.45 -16.17 -6.47
C LEU A 440 12.12 -16.57 -5.03
N ALA A 441 13.04 -17.28 -4.38
CA ALA A 441 12.87 -17.64 -2.97
C ALA A 441 12.63 -16.41 -2.11
N THR A 442 13.40 -15.36 -2.36
CA THR A 442 13.25 -14.11 -1.62
C THR A 442 11.89 -13.47 -1.89
N ILE A 443 11.53 -13.36 -3.16
CA ILE A 443 10.27 -12.75 -3.57
C ILE A 443 9.07 -13.53 -3.00
N PHE A 444 9.06 -14.84 -3.23
CA PHE A 444 7.97 -15.69 -2.76
C PHE A 444 7.90 -15.78 -1.22
N GLY A 445 9.05 -15.66 -0.56
CA GLY A 445 9.10 -15.60 0.90
C GLY A 445 8.38 -14.37 1.43
N VAL A 446 8.66 -13.22 0.83
CA VAL A 446 7.98 -11.98 1.18
C VAL A 446 6.48 -12.08 0.82
N SER A 447 6.19 -12.71 -0.31
CA SER A 447 4.81 -12.93 -0.74
C SER A 447 4.10 -14.01 0.06
N ASP A 448 4.83 -14.65 0.97
CA ASP A 448 4.35 -15.73 1.82
C ASP A 448 3.70 -16.86 1.03
N VAL A 449 4.24 -17.15 -0.15
CA VAL A 449 3.87 -18.33 -0.92
C VAL A 449 4.77 -19.46 -0.45
N ASP A 450 4.14 -20.56 -0.05
CA ASP A 450 4.83 -21.72 0.52
C ASP A 450 6.00 -22.21 -0.35
N SER A 451 7.08 -22.60 0.31
CA SER A 451 8.33 -22.95 -0.37
C SER A 451 8.20 -24.09 -1.38
N GLU A 452 7.67 -25.24 -0.95
CA GLU A 452 7.52 -26.38 -1.87
C GLU A 452 6.46 -26.10 -2.94
N THR A 453 5.55 -25.17 -2.67
CA THR A 453 4.51 -24.79 -3.65
C THR A 453 5.10 -24.03 -4.83
N TRP A 454 5.88 -22.98 -4.58
CA TRP A 454 6.45 -22.22 -5.71
C TRP A 454 7.53 -23.03 -6.41
N LYS A 455 8.29 -23.84 -5.68
CA LYS A 455 9.29 -24.73 -6.30
C LYS A 455 8.61 -25.74 -7.22
N SER A 456 7.49 -26.29 -6.78
CA SER A 456 6.67 -27.19 -7.60
C SER A 456 6.27 -26.52 -8.92
N VAL A 457 5.74 -25.30 -8.84
CA VAL A 457 5.34 -24.53 -10.02
C VAL A 457 6.54 -24.17 -10.91
N LEU A 458 7.68 -23.84 -10.29
CA LEU A 458 8.93 -23.59 -11.04
C LEU A 458 9.37 -24.82 -11.83
N SER A 459 9.23 -26.00 -11.24
CA SER A 459 9.55 -27.26 -11.94
C SER A 459 8.66 -27.44 -13.17
N GLU A 460 7.41 -27.02 -13.07
CA GLU A 460 6.46 -27.08 -14.17
C GLU A 460 6.86 -26.15 -15.32
N VAL A 461 7.39 -24.98 -14.97
CA VAL A 461 7.69 -23.93 -15.95
C VAL A 461 9.13 -24.06 -16.45
N ASP A 462 10.07 -24.20 -15.52
CA ASP A 462 11.50 -24.36 -15.85
C ASP A 462 11.81 -25.85 -16.02
N LYS A 463 11.69 -26.34 -17.26
CA LYS A 463 11.90 -27.77 -17.54
C LYS A 463 13.32 -28.10 -18.01
N ASN A 464 14.21 -27.12 -18.02
CA ASN A 464 15.61 -27.35 -18.41
C ASN A 464 16.62 -27.10 -17.29
N ASN A 465 16.12 -26.99 -16.05
CA ASN A 465 16.96 -26.73 -14.88
C ASN A 465 17.89 -25.53 -15.09
N ASP A 466 17.35 -24.47 -15.68
CA ASP A 466 18.11 -23.24 -15.89
C ASP A 466 18.36 -22.51 -14.57
N GLY A 467 17.44 -22.70 -13.61
CA GLY A 467 17.53 -22.03 -12.32
C GLY A 467 17.22 -20.54 -12.40
N GLU A 468 16.37 -20.17 -13.37
CA GLU A 468 15.99 -18.77 -13.59
C GLU A 468 14.80 -18.69 -14.52
N VAL A 469 14.07 -17.58 -14.45
CA VAL A 469 12.87 -17.35 -15.27
C VAL A 469 12.92 -15.97 -15.90
N ASP A 470 12.47 -15.86 -17.15
CA ASP A 470 12.27 -14.54 -17.75
C ASP A 470 10.90 -14.05 -17.32
N PHE A 471 10.47 -12.89 -17.83
CA PHE A 471 9.19 -12.33 -17.39
C PHE A 471 7.99 -13.22 -17.69
N ASP A 472 7.88 -13.73 -18.91
CA ASP A 472 6.72 -14.53 -19.28
C ASP A 472 6.63 -15.78 -18.41
N GLU A 473 7.77 -16.42 -18.18
CA GLU A 473 7.84 -17.58 -17.28
C GLU A 473 7.40 -17.23 -15.85
N PHE A 474 7.88 -16.11 -15.32
CA PHE A 474 7.45 -15.63 -14.00
C PHE A 474 5.94 -15.45 -13.97
N GLN A 475 5.40 -14.78 -14.98
CA GLN A 475 3.95 -14.59 -15.10
C GLN A 475 3.21 -15.93 -15.11
N GLN A 476 3.73 -16.89 -15.85
CA GLN A 476 3.14 -18.24 -15.89
C GLN A 476 3.13 -18.91 -14.53
N MET A 477 4.20 -18.72 -13.76
CA MET A 477 4.26 -19.26 -12.41
C MET A 477 3.14 -18.66 -11.57
N LEU A 478 2.94 -17.35 -11.68
CA LEU A 478 1.91 -16.66 -10.91
C LEU A 478 0.51 -17.12 -11.32
N LEU A 479 0.28 -17.31 -12.61
CA LEU A 479 -0.99 -17.86 -13.10
C LEU A 479 -1.26 -19.25 -12.51
N LYS A 480 -0.22 -20.07 -12.40
CA LYS A 480 -0.36 -21.41 -11.82
C LYS A 480 -0.60 -21.36 -10.30
N LEU A 481 -0.16 -20.28 -9.66
CA LEU A 481 -0.36 -20.09 -8.23
C LEU A 481 -1.73 -19.50 -7.89
N CYS A 482 -2.52 -19.12 -8.89
CA CYS A 482 -3.91 -18.72 -8.63
C CYS A 482 -4.87 -19.54 -9.48
N GLY A 483 -4.55 -20.83 -9.60
CA GLY A 483 -5.45 -21.82 -10.16
C GLY A 483 -5.62 -21.79 -11.66
N ASN A 484 -4.61 -21.25 -12.37
CA ASN A 484 -4.60 -21.25 -13.84
C ASN A 484 -3.31 -21.86 -14.36
#